data_9FSI
#
_entry.id   9FSI
#
_entity_poly.entity_id   1
_entity_poly.type   'polypeptide(L)'
_entity_poly.pdbx_seq_one_letter_code
;(TYZ)RR(A1IFI)(A1IFI)RF
;
_entity_poly.pdbx_strand_id   A
#
# COMPACT_ATOMS: atom_id res chain seq x y z
N ARG A 2 -4.62 1.97 -0.12
CA ARG A 2 -3.98 0.90 0.65
C ARG A 2 -2.71 0.42 -0.05
N ARG A 3 -2.80 0.17 -1.36
CA ARG A 3 -1.64 -0.22 -2.15
C ARG A 3 -0.46 0.70 -1.88
N ARG A 6 0.91 0.96 1.81
CA ARG A 6 1.48 -0.36 2.08
C ARG A 6 2.82 -0.56 1.37
N PHE A 7 2.90 -0.12 0.13
CA PHE A 7 4.12 -0.19 -0.67
C PHE A 7 5.22 0.74 -0.15
N ARG A 2 -4.68 2.09 0.11
CA ARG A 2 -4.00 0.91 0.69
C ARG A 2 -2.75 0.47 -0.04
N ARG A 3 -2.81 0.26 -1.35
CA ARG A 3 -1.64 -0.20 -2.12
C ARG A 3 -0.47 0.75 -1.94
N ARG A 6 0.90 0.92 1.73
CA ARG A 6 1.45 -0.41 2.01
C ARG A 6 2.83 -0.60 1.38
N PHE A 7 2.99 -0.16 0.15
CA PHE A 7 4.28 -0.24 -0.53
C PHE A 7 5.28 0.82 -0.04
N ARG A 2 -4.80 1.88 -0.14
CA ARG A 2 -4.04 0.92 0.66
C ARG A 2 -2.73 0.52 -0.02
N ARG A 3 -2.80 0.18 -1.30
CA ARG A 3 -1.63 -0.23 -2.07
C ARG A 3 -0.46 0.74 -2.01
N ARG A 6 0.91 0.94 1.72
CA ARG A 6 1.43 -0.40 1.96
C ARG A 6 2.80 -0.62 1.33
N PHE A 7 2.98 -0.18 0.09
CA PHE A 7 4.30 -0.25 -0.55
C PHE A 7 5.29 0.72 0.11
N ARG A 2 -4.69 1.84 -0.08
CA ARG A 2 -3.94 0.82 0.66
C ARG A 2 -2.66 0.43 -0.05
N ARG A 3 -2.73 0.17 -1.36
CA ARG A 3 -1.55 -0.17 -2.15
C ARG A 3 -0.44 0.84 -1.91
N ARG A 6 0.92 0.96 1.80
CA ARG A 6 1.48 -0.36 2.14
C ARG A 6 2.81 -0.62 1.43
N PHE A 7 2.90 -0.22 0.17
CA PHE A 7 4.13 -0.36 -0.61
C PHE A 7 5.18 0.70 -0.29
N ARG A 2 -4.81 2.34 0.03
CA ARG A 2 -4.15 1.24 0.74
C ARG A 2 -2.96 0.64 -0.02
N ARG A 3 -3.16 0.38 -1.30
CA ARG A 3 -2.14 -0.16 -2.19
C ARG A 3 -0.82 0.61 -2.10
N ARG A 6 1.03 0.72 1.53
CA ARG A 6 1.65 -0.58 1.77
C ARG A 6 3.12 -0.66 1.37
N PHE A 7 3.49 0.04 0.30
CA PHE A 7 4.86 0.03 -0.19
C PHE A 7 5.63 1.34 0.00
N ARG A 2 -4.76 1.86 0.08
CA ARG A 2 -3.99 0.78 0.71
C ARG A 2 -2.72 0.45 -0.07
N ARG A 3 -2.82 0.25 -1.37
CA ARG A 3 -1.67 -0.15 -2.18
C ARG A 3 -0.50 0.82 -2.00
N ARG A 6 0.92 0.94 1.76
CA ARG A 6 1.42 -0.40 2.09
C ARG A 6 2.77 -0.66 1.42
N PHE A 7 2.94 -0.19 0.18
CA PHE A 7 4.22 -0.27 -0.50
C PHE A 7 5.23 0.74 0.06
N ARG A 2 -4.96 1.56 -0.38
CA ARG A 2 -4.12 0.84 0.58
C ARG A 2 -2.77 0.51 -0.04
N ARG A 3 -2.77 0.15 -1.31
CA ARG A 3 -1.57 -0.22 -2.05
C ARG A 3 -0.43 0.77 -1.87
N ARG A 6 0.95 1.01 1.79
CA ARG A 6 1.48 -0.34 2.03
C ARG A 6 2.82 -0.59 1.35
N PHE A 7 2.95 -0.15 0.10
CA PHE A 7 4.21 -0.32 -0.64
C PHE A 7 5.30 0.66 -0.18
N ARG A 2 -5.04 1.61 -0.38
CA ARG A 2 -4.30 0.65 0.44
C ARG A 2 -2.88 0.42 -0.08
N ARG A 3 -2.77 0.17 -1.39
CA ARG A 3 -1.48 -0.17 -1.99
C ARG A 3 -0.42 0.88 -1.76
N ARG A 6 1.07 1.10 1.89
CA ARG A 6 1.58 -0.25 2.17
C ARG A 6 2.86 -0.58 1.40
N PHE A 7 2.92 -0.22 0.12
CA PHE A 7 4.08 -0.48 -0.72
C PHE A 7 5.23 0.52 -0.53
N ARG A 2 -4.98 1.70 -0.17
CA ARG A 2 -4.18 0.71 0.57
C ARG A 2 -2.83 0.45 -0.08
N ARG A 3 -2.82 0.18 -1.38
CA ARG A 3 -1.59 -0.20 -2.08
C ARG A 3 -0.46 0.82 -1.92
N ARG A 6 0.98 1.04 1.78
CA ARG A 6 1.43 -0.33 2.06
C ARG A 6 2.76 -0.63 1.37
N PHE A 7 2.91 -0.19 0.14
CA PHE A 7 4.18 -0.32 -0.58
C PHE A 7 5.23 0.64 -0.03
N ARG A 2 -5.15 1.46 -0.33
CA ARG A 2 -4.29 0.63 0.51
C ARG A 2 -2.89 0.44 -0.06
N ARG A 3 -2.80 0.20 -1.36
CA ARG A 3 -1.52 -0.15 -2.00
C ARG A 3 -0.41 0.88 -1.79
N ARG A 6 1.03 1.09 1.81
CA ARG A 6 1.50 -0.27 2.09
C ARG A 6 2.81 -0.59 1.38
N PHE A 7 2.94 -0.21 0.12
CA PHE A 7 4.15 -0.45 -0.65
C PHE A 7 5.28 0.52 -0.30
#